data_4ISX
#
_entry.id   4ISX
#
_cell.length_a   167.896
_cell.length_b   167.896
_cell.length_c   167.896
_cell.angle_alpha   90.00
_cell.angle_beta   90.00
_cell.angle_gamma   90.00
#
_symmetry.space_group_name_H-M   'F 2 3'
#
loop_
_entity.id
_entity.type
_entity.pdbx_description
1 polymer 'Maltose O-acetyltransferase'
2 non-polymer 'ACETYL COENZYME *A'
3 non-polymer '2-(N-MORPHOLINO)-ETHANESULFONIC ACID'
4 water water
#
_entity_poly.entity_id   1
_entity_poly.type   'polypeptide(L)'
_entity_poly.pdbx_seq_one_letter_code
;SNA(MSE)TEKEK(MSE)LSGKGYYANDELLVKEREYCKKLTRLFNNTLEDEYEKREDILRQLFGSVGKQINVEQNIRCD
YGYNIHVGENFFANYDCIFLDVCKIEIGDNV(MSE)LAPNVQIYTAYHPIDAQLRNSGIEYGSPVKIGDNVWIGGGVIIT
PGITIGDNVVIGAGSVVTKDIPPNTVAVGNPCRVIKKIEE
;
_entity_poly.pdbx_strand_id   A,B
#
loop_
_chem_comp.id
_chem_comp.type
_chem_comp.name
_chem_comp.formula
ACO non-polymer 'ACETYL COENZYME *A' 'C23 H38 N7 O17 P3 S'
MES non-polymer '2-(N-MORPHOLINO)-ETHANESULFONIC ACID' 'C6 H13 N O4 S'
#
# COMPACT_ATOMS: atom_id res chain seq x y z
N ALA A 3 20.52 -37.00 -5.27
CA ALA A 3 19.90 -36.53 -6.51
C ALA A 3 18.62 -35.77 -6.22
N MSE A 4 18.32 -34.80 -7.07
CA MSE A 4 17.13 -33.96 -6.90
C MSE A 4 15.88 -34.65 -7.42
O MSE A 4 15.96 -35.48 -8.33
CB MSE A 4 17.32 -32.63 -7.62
CG MSE A 4 18.62 -31.92 -7.28
SE MSE A 4 18.88 -30.29 -8.31
CE MSE A 4 17.42 -29.24 -7.59
N THR A 5 14.74 -34.31 -6.85
CA THR A 5 13.46 -34.75 -7.38
C THR A 5 13.04 -33.80 -8.47
N GLU A 6 12.01 -34.17 -9.23
CA GLU A 6 11.51 -33.32 -10.30
C GLU A 6 10.98 -32.00 -9.75
N LYS A 7 10.37 -32.05 -8.57
CA LYS A 7 9.86 -30.85 -7.93
C LYS A 7 11.01 -29.91 -7.57
N GLU A 8 12.12 -30.49 -7.13
CA GLU A 8 13.28 -29.72 -6.73
C GLU A 8 13.96 -29.08 -7.94
N LYS A 9 14.07 -29.83 -9.03
CA LYS A 9 14.64 -29.30 -10.26
C LYS A 9 13.80 -28.12 -10.74
N MSE A 10 12.48 -28.26 -10.61
CA MSE A 10 11.54 -27.24 -11.04
C MSE A 10 11.76 -25.92 -10.31
O MSE A 10 11.93 -24.87 -10.94
CB MSE A 10 10.10 -27.71 -10.79
CG MSE A 10 9.04 -26.73 -11.25
SE MSE A 10 7.23 -27.39 -10.99
CE MSE A 10 7.11 -27.16 -9.06
N LEU A 11 11.79 -25.98 -8.98
CA LEU A 11 11.93 -24.79 -8.16
C LEU A 11 13.30 -24.12 -8.32
N SER A 12 14.29 -24.91 -8.74
CA SER A 12 15.66 -24.42 -8.84
C SER A 12 15.99 -23.92 -10.25
N GLY A 13 14.98 -23.85 -11.11
CA GLY A 13 15.17 -23.33 -12.46
C GLY A 13 15.80 -24.32 -13.42
N LYS A 14 15.93 -25.56 -12.98
CA LYS A 14 16.50 -26.61 -13.83
C LYS A 14 15.44 -27.31 -14.66
N GLY A 15 15.88 -28.21 -15.54
CA GLY A 15 14.98 -28.96 -16.38
C GLY A 15 14.29 -30.07 -15.62
N TYR A 16 12.97 -30.14 -15.75
CA TYR A 16 12.20 -31.15 -15.07
C TYR A 16 11.12 -31.73 -15.97
N TYR A 17 10.62 -32.91 -15.61
CA TYR A 17 9.50 -33.51 -16.32
C TYR A 17 8.20 -33.22 -15.59
N ALA A 18 7.32 -32.47 -16.23
CA ALA A 18 6.06 -32.05 -15.62
C ALA A 18 5.12 -33.20 -15.30
N ASN A 19 5.26 -34.30 -16.03
CA ASN A 19 4.37 -35.46 -15.82
C ASN A 19 4.78 -36.32 -14.62
N ASP A 20 5.66 -35.78 -13.79
CA ASP A 20 6.05 -36.40 -12.53
C ASP A 20 4.81 -36.57 -11.65
N GLU A 21 4.69 -37.74 -11.04
CA GLU A 21 3.47 -38.10 -10.30
C GLU A 21 3.15 -37.11 -9.19
N LEU A 22 4.17 -36.65 -8.48
CA LEU A 22 3.97 -35.73 -7.37
C LEU A 22 3.45 -34.40 -7.90
N LEU A 23 4.04 -33.91 -8.99
CA LEU A 23 3.65 -32.63 -9.58
C LEU A 23 2.26 -32.68 -10.20
N VAL A 24 1.93 -33.81 -10.83
CA VAL A 24 0.61 -33.98 -11.42
C VAL A 24 -0.48 -33.92 -10.35
N LYS A 25 -0.20 -34.51 -9.20
CA LYS A 25 -1.19 -34.53 -8.12
C LYS A 25 -1.21 -33.23 -7.33
N GLU A 26 -0.12 -32.48 -7.39
CA GLU A 26 -0.10 -31.14 -6.82
C GLU A 26 -0.88 -30.20 -7.73
N ARG A 27 -0.76 -30.41 -9.03
CA ARG A 27 -1.52 -29.64 -10.00
C ARG A 27 -3.02 -29.96 -9.92
N GLU A 28 -3.33 -31.20 -9.53
CA GLU A 28 -4.72 -31.59 -9.32
C GLU A 28 -5.30 -30.90 -8.10
N TYR A 29 -4.52 -30.85 -7.02
CA TYR A 29 -4.95 -30.19 -5.80
C TYR A 29 -5.19 -28.70 -6.06
N CYS A 30 -4.36 -28.12 -6.92
CA CYS A 30 -4.48 -26.71 -7.25
C CYS A 30 -5.79 -26.45 -8.01
N LYS A 31 -6.10 -27.31 -8.97
CA LYS A 31 -7.30 -27.13 -9.76
C LYS A 31 -8.57 -27.34 -8.95
N LYS A 32 -8.49 -28.12 -7.88
CA LYS A 32 -9.63 -28.31 -7.01
C LYS A 32 -9.99 -27.03 -6.27
N LEU A 33 -8.97 -26.36 -5.73
CA LEU A 33 -9.18 -25.10 -5.03
C LEU A 33 -9.59 -24.01 -6.01
N THR A 34 -8.98 -24.04 -7.19
CA THR A 34 -9.30 -23.08 -8.25
C THR A 34 -10.77 -23.20 -8.64
N ARG A 35 -11.21 -24.45 -8.81
CA ARG A 35 -12.60 -24.72 -9.16
C ARG A 35 -13.53 -24.23 -8.08
N LEU A 36 -13.18 -24.51 -6.82
CA LEU A 36 -13.98 -24.06 -5.68
C LEU A 36 -14.05 -22.54 -5.65
N PHE A 37 -12.93 -21.89 -5.97
CA PHE A 37 -12.86 -20.44 -5.98
C PHE A 37 -13.75 -19.84 -7.07
N ASN A 38 -13.66 -20.42 -8.27
CA ASN A 38 -14.38 -19.86 -9.41
C ASN A 38 -15.86 -20.18 -9.42
N ASN A 39 -16.28 -21.09 -8.56
CA ASN A 39 -17.69 -21.46 -8.48
C ASN A 39 -18.44 -20.76 -7.36
N THR A 40 -17.71 -20.01 -6.55
CA THR A 40 -18.31 -19.25 -5.46
C THR A 40 -19.27 -18.19 -5.98
N LEU A 41 -20.20 -17.79 -5.13
CA LEU A 41 -21.17 -16.76 -5.50
C LEU A 41 -20.63 -15.38 -5.15
N GLU A 42 -21.15 -14.36 -5.83
CA GLU A 42 -20.59 -13.01 -5.78
C GLU A 42 -20.54 -12.38 -4.39
N ASP A 43 -21.25 -12.96 -3.43
CA ASP A 43 -21.29 -12.40 -2.08
C ASP A 43 -20.57 -13.29 -1.07
N GLU A 44 -19.77 -14.23 -1.57
CA GLU A 44 -19.04 -15.14 -0.71
C GLU A 44 -17.57 -14.72 -0.59
N TYR A 45 -17.36 -13.53 -0.05
CA TYR A 45 -16.02 -12.99 0.11
C TYR A 45 -15.22 -13.80 1.11
N GLU A 46 -15.86 -14.18 2.21
CA GLU A 46 -15.24 -14.94 3.28
C GLU A 46 -14.70 -16.26 2.74
N LYS A 47 -15.51 -16.92 1.92
CA LYS A 47 -15.14 -18.22 1.35
C LYS A 47 -13.95 -18.10 0.41
N ARG A 48 -14.02 -17.11 -0.49
CA ARG A 48 -12.92 -16.89 -1.43
C ARG A 48 -11.62 -16.58 -0.71
N GLU A 49 -11.70 -15.76 0.33
CA GLU A 49 -10.53 -15.39 1.10
C GLU A 49 -9.88 -16.62 1.76
N ASP A 50 -10.70 -17.52 2.28
CA ASP A 50 -10.18 -18.74 2.89
C ASP A 50 -9.45 -19.60 1.86
N ILE A 51 -10.08 -19.76 0.70
CA ILE A 51 -9.52 -20.55 -0.39
C ILE A 51 -8.16 -20.01 -0.84
N LEU A 52 -8.05 -18.70 -0.90
CA LEU A 52 -6.81 -18.06 -1.30
C LEU A 52 -5.70 -18.32 -0.29
N ARG A 53 -6.05 -18.45 0.98
CA ARG A 53 -5.06 -18.70 2.02
C ARG A 53 -4.58 -20.14 2.00
N GLN A 54 -5.38 -21.03 1.41
CA GLN A 54 -4.96 -22.41 1.24
C GLN A 54 -4.20 -22.55 -0.07
N LEU A 55 -4.57 -21.72 -1.04
CA LEU A 55 -4.02 -21.79 -2.39
C LEU A 55 -2.62 -21.17 -2.44
N PHE A 56 -2.54 -19.89 -2.08
CA PHE A 56 -1.31 -19.13 -2.20
C PHE A 56 -0.27 -19.49 -1.15
N GLY A 57 1.00 -19.24 -1.48
CA GLY A 57 2.10 -19.47 -0.56
C GLY A 57 2.01 -18.56 0.65
N SER A 58 1.70 -17.29 0.41
CA SER A 58 1.54 -16.33 1.49
C SER A 58 0.58 -15.22 1.11
N VAL A 59 -0.28 -14.84 2.05
CA VAL A 59 -1.29 -13.82 1.81
C VAL A 59 -1.28 -12.78 2.92
N GLY A 60 -1.49 -11.52 2.57
CA GLY A 60 -1.55 -10.45 3.56
C GLY A 60 -2.86 -10.42 4.32
N LYS A 61 -3.09 -9.35 5.06
CA LYS A 61 -4.32 -9.19 5.84
C LYS A 61 -5.54 -9.14 4.93
N GLN A 62 -5.46 -8.30 3.90
CA GLN A 62 -6.59 -8.11 2.99
C GLN A 62 -6.21 -8.53 1.57
N ILE A 63 -7.18 -9.08 0.85
CA ILE A 63 -6.95 -9.55 -0.51
C ILE A 63 -8.25 -9.69 -1.30
N ASN A 64 -8.21 -9.27 -2.56
CA ASN A 64 -9.36 -9.43 -3.44
C ASN A 64 -8.98 -9.86 -4.85
N VAL A 65 -9.34 -11.10 -5.18
CA VAL A 65 -9.09 -11.64 -6.51
C VAL A 65 -10.41 -11.93 -7.21
N GLU A 66 -10.66 -11.23 -8.31
CA GLU A 66 -11.90 -11.43 -9.05
C GLU A 66 -11.90 -12.78 -9.75
N GLN A 67 -13.10 -13.25 -10.09
CA GLN A 67 -13.28 -14.65 -10.41
C GLN A 67 -12.71 -15.13 -11.73
N ASN A 68 -12.68 -16.46 -11.85
CA ASN A 68 -11.86 -17.18 -12.83
C ASN A 68 -10.38 -16.86 -12.71
N ILE A 69 -9.77 -17.45 -11.69
CA ILE A 69 -8.34 -17.37 -11.51
C ILE A 69 -7.71 -18.66 -12.04
N ARG A 70 -6.51 -18.54 -12.61
CA ARG A 70 -5.82 -19.69 -13.16
C ARG A 70 -4.42 -19.83 -12.54
N CYS A 71 -4.16 -20.99 -11.95
CA CYS A 71 -2.87 -21.27 -11.34
C CYS A 71 -2.38 -22.65 -11.74
N ASP A 72 -1.10 -22.92 -11.51
CA ASP A 72 -0.55 -24.26 -11.71
C ASP A 72 -0.37 -25.00 -10.40
N TYR A 73 0.23 -24.33 -9.41
CA TYR A 73 0.49 -24.97 -8.13
C TYR A 73 -0.05 -24.19 -6.94
N GLY A 74 -0.03 -22.86 -7.05
CA GLY A 74 -0.54 -22.00 -6.00
C GLY A 74 0.49 -21.63 -4.95
N TYR A 75 1.21 -22.62 -4.44
CA TYR A 75 2.14 -22.38 -3.33
C TYR A 75 3.35 -21.53 -3.70
N ASN A 76 3.60 -21.38 -5.00
CA ASN A 76 4.69 -20.55 -5.46
C ASN A 76 4.28 -19.09 -5.60
N ILE A 77 3.02 -18.80 -5.32
CA ILE A 77 2.50 -17.45 -5.38
C ILE A 77 2.54 -16.80 -4.01
N HIS A 78 3.39 -15.79 -3.87
CA HIS A 78 3.53 -15.07 -2.60
C HIS A 78 3.15 -13.62 -2.76
N VAL A 79 2.14 -13.19 -2.02
CA VAL A 79 1.53 -11.89 -2.23
C VAL A 79 1.52 -11.04 -0.96
N GLY A 80 1.71 -9.73 -1.13
CA GLY A 80 1.79 -8.82 0.00
C GLY A 80 0.45 -8.28 0.46
N GLU A 81 0.47 -7.13 1.12
CA GLU A 81 -0.74 -6.54 1.68
C GLU A 81 -1.61 -5.85 0.62
N ASN A 82 -2.92 -5.88 0.86
CA ASN A 82 -3.91 -5.23 -0.01
C ASN A 82 -3.78 -5.60 -1.48
N PHE A 83 -3.56 -6.87 -1.74
CA PHE A 83 -3.39 -7.32 -3.11
C PHE A 83 -4.72 -7.34 -3.86
N PHE A 84 -4.68 -6.91 -5.12
CA PHE A 84 -5.87 -6.92 -5.95
C PHE A 84 -5.59 -7.53 -7.30
N ALA A 85 -6.39 -8.52 -7.68
CA ALA A 85 -6.31 -9.10 -9.01
C ALA A 85 -7.70 -9.11 -9.63
N ASN A 86 -7.84 -8.44 -10.77
CA ASN A 86 -9.12 -8.34 -11.43
C ASN A 86 -9.49 -9.59 -12.21
N TYR A 87 -10.49 -9.47 -13.07
CA TYR A 87 -11.03 -10.60 -13.83
C TYR A 87 -10.01 -11.37 -14.65
N ASP A 88 -10.07 -12.70 -14.56
CA ASP A 88 -9.36 -13.59 -15.47
C ASP A 88 -7.85 -13.41 -15.53
N CYS A 89 -7.21 -13.34 -14.37
CA CYS A 89 -5.75 -13.32 -14.32
C CYS A 89 -5.20 -14.74 -14.30
N ILE A 90 -4.06 -14.94 -14.97
CA ILE A 90 -3.44 -16.25 -15.03
C ILE A 90 -2.05 -16.24 -14.39
N PHE A 91 -1.84 -17.14 -13.44
CA PHE A 91 -0.57 -17.25 -12.73
C PHE A 91 0.04 -18.61 -12.99
N LEU A 92 0.99 -18.68 -13.92
CA LEU A 92 1.71 -19.93 -14.15
C LEU A 92 2.91 -19.99 -13.20
N ASP A 93 2.66 -20.46 -11.98
CA ASP A 93 3.66 -20.40 -10.94
C ASP A 93 4.47 -21.68 -10.81
N VAL A 94 5.08 -22.09 -11.92
CA VAL A 94 6.05 -23.17 -11.92
C VAL A 94 7.18 -22.80 -10.96
N CYS A 95 7.58 -21.54 -11.01
CA CYS A 95 8.52 -21.00 -10.03
C CYS A 95 7.87 -19.90 -9.21
N LYS A 96 8.67 -19.26 -8.36
CA LYS A 96 8.15 -18.28 -7.43
C LYS A 96 7.65 -17.03 -8.13
N ILE A 97 6.39 -16.68 -7.87
CA ILE A 97 5.86 -15.38 -8.28
C ILE A 97 5.71 -14.53 -7.03
N GLU A 98 6.73 -13.73 -6.73
CA GLU A 98 6.74 -12.94 -5.51
C GLU A 98 6.23 -11.52 -5.77
N ILE A 99 5.12 -11.18 -5.13
CA ILE A 99 4.47 -9.90 -5.33
C ILE A 99 4.44 -9.09 -4.03
N GLY A 100 4.85 -7.83 -4.11
CA GLY A 100 4.95 -6.98 -2.94
C GLY A 100 3.63 -6.42 -2.42
N ASP A 101 3.73 -5.32 -1.68
CA ASP A 101 2.57 -4.70 -1.05
C ASP A 101 1.90 -3.68 -1.95
N ASN A 102 0.59 -3.53 -1.77
CA ASN A 102 -0.22 -2.59 -2.54
C ASN A 102 -0.06 -2.73 -4.05
N VAL A 103 -0.09 -3.98 -4.53
CA VAL A 103 -0.02 -4.25 -5.95
C VAL A 103 -1.40 -4.62 -6.46
N MSE A 104 -1.79 -4.04 -7.60
CA MSE A 104 -3.10 -4.31 -8.16
C MSE A 104 -3.03 -4.70 -9.64
O MSE A 104 -2.41 -4.01 -10.45
CB MSE A 104 -4.02 -3.11 -7.96
CG MSE A 104 -3.45 -1.79 -8.44
SE MSE A 104 -4.36 -0.28 -7.61
CE MSE A 104 -3.83 -0.59 -5.77
N LEU A 105 -3.66 -5.82 -9.96
CA LEU A 105 -3.67 -6.32 -11.33
C LEU A 105 -5.01 -6.06 -12.01
N ALA A 106 -4.94 -5.48 -13.20
CA ALA A 106 -6.10 -5.24 -14.03
C ALA A 106 -6.60 -6.57 -14.61
N PRO A 107 -7.72 -6.56 -15.36
CA PRO A 107 -8.14 -7.85 -15.91
C PRO A 107 -7.15 -8.44 -16.92
N ASN A 108 -7.20 -9.76 -17.06
CA ASN A 108 -6.46 -10.50 -18.08
C ASN A 108 -4.93 -10.39 -18.01
N VAL A 109 -4.42 -10.11 -16.81
CA VAL A 109 -2.98 -10.08 -16.59
C VAL A 109 -2.43 -11.51 -16.52
N GLN A 110 -1.36 -11.77 -17.28
CA GLN A 110 -0.82 -13.11 -17.38
C GLN A 110 0.64 -13.14 -16.96
N ILE A 111 0.92 -13.83 -15.86
CA ILE A 111 2.28 -13.96 -15.36
C ILE A 111 2.80 -15.38 -15.57
N TYR A 112 3.69 -15.54 -16.55
CA TYR A 112 4.22 -16.85 -16.87
C TYR A 112 5.65 -17.02 -16.37
N THR A 113 5.88 -18.06 -15.57
CA THR A 113 7.23 -18.37 -15.13
C THR A 113 7.80 -19.58 -15.88
N ALA A 114 6.93 -20.33 -16.54
CA ALA A 114 7.35 -21.55 -17.23
C ALA A 114 7.84 -21.24 -18.64
N TYR A 115 8.72 -22.11 -19.15
CA TYR A 115 9.13 -22.05 -20.54
C TYR A 115 9.69 -23.38 -21.02
N HIS A 116 9.94 -23.47 -22.32
CA HIS A 116 10.38 -24.71 -22.94
C HIS A 116 11.72 -24.54 -23.62
N PRO A 117 12.43 -25.65 -23.86
CA PRO A 117 13.69 -25.57 -24.61
C PRO A 117 13.44 -25.06 -26.02
N ILE A 118 14.39 -24.29 -26.54
CA ILE A 118 14.32 -23.82 -27.91
C ILE A 118 14.45 -25.00 -28.86
N ASP A 119 15.36 -25.91 -28.55
CA ASP A 119 15.58 -27.10 -29.36
C ASP A 119 14.37 -28.04 -29.31
N ALA A 120 13.95 -28.53 -30.47
CA ALA A 120 12.75 -29.35 -30.57
C ALA A 120 12.90 -30.72 -29.90
N GLN A 121 14.04 -31.37 -30.11
CA GLN A 121 14.29 -32.68 -29.51
C GLN A 121 14.26 -32.62 -27.99
N LEU A 122 14.86 -31.58 -27.43
CA LEU A 122 14.80 -31.35 -26.00
C LEU A 122 13.35 -31.10 -25.57
N ARG A 123 12.66 -30.28 -26.35
CA ARG A 123 11.27 -29.93 -26.04
C ARG A 123 10.34 -31.13 -26.18
N ASN A 124 10.55 -31.93 -27.22
CA ASN A 124 9.71 -33.10 -27.46
C ASN A 124 9.97 -34.23 -26.47
N SER A 125 11.05 -34.11 -25.71
CA SER A 125 11.38 -35.10 -24.70
C SER A 125 10.53 -34.90 -23.45
N GLY A 126 10.00 -33.68 -23.30
CA GLY A 126 9.11 -33.39 -22.20
C GLY A 126 9.75 -32.56 -21.09
N ILE A 127 11.03 -32.23 -21.28
CA ILE A 127 11.74 -31.43 -20.30
C ILE A 127 11.26 -29.98 -20.36
N GLU A 128 11.28 -29.32 -19.21
CA GLU A 128 10.65 -28.01 -19.09
C GLU A 128 11.39 -27.19 -18.04
N TYR A 129 11.25 -25.86 -18.10
CA TYR A 129 11.97 -24.99 -17.17
C TYR A 129 11.08 -23.94 -16.53
N GLY A 130 11.66 -23.23 -15.56
CA GLY A 130 10.99 -22.13 -14.90
C GLY A 130 11.97 -21.07 -14.44
N SER A 131 11.51 -19.82 -14.41
CA SER A 131 12.29 -18.72 -13.87
C SER A 131 11.36 -17.79 -13.10
N PRO A 132 11.67 -17.54 -11.82
CA PRO A 132 10.80 -16.78 -10.91
C PRO A 132 10.57 -15.35 -11.38
N VAL A 133 9.41 -14.80 -11.01
CA VAL A 133 9.04 -13.43 -11.36
C VAL A 133 8.85 -12.60 -10.10
N LYS A 134 9.42 -11.39 -10.11
CA LYS A 134 9.38 -10.52 -8.94
C LYS A 134 8.70 -9.18 -9.23
N ILE A 135 7.74 -8.82 -8.41
CA ILE A 135 7.07 -7.52 -8.53
C ILE A 135 7.18 -6.75 -7.23
N GLY A 136 7.70 -5.54 -7.30
CA GLY A 136 7.91 -4.73 -6.11
C GLY A 136 6.65 -4.15 -5.51
N ASP A 137 6.83 -3.30 -4.51
CA ASP A 137 5.71 -2.67 -3.82
C ASP A 137 5.13 -1.55 -4.65
N ASN A 138 3.84 -1.27 -4.44
CA ASN A 138 3.16 -0.14 -5.10
C ASN A 138 3.22 -0.19 -6.62
N VAL A 139 2.69 -1.26 -7.21
CA VAL A 139 2.74 -1.45 -8.65
C VAL A 139 1.35 -1.64 -9.26
N TRP A 140 1.02 -0.82 -10.25
CA TRP A 140 -0.21 -0.98 -11.00
C TRP A 140 0.07 -1.63 -12.35
N ILE A 141 -0.48 -2.82 -12.56
CA ILE A 141 -0.29 -3.52 -13.82
C ILE A 141 -1.54 -3.45 -14.69
N GLY A 142 -1.38 -2.88 -15.88
CA GLY A 142 -2.49 -2.67 -16.79
C GLY A 142 -3.14 -3.94 -17.33
N GLY A 143 -4.25 -3.77 -18.03
CA GLY A 143 -5.02 -4.89 -18.55
C GLY A 143 -4.33 -5.61 -19.70
N GLY A 144 -4.34 -6.94 -19.65
CA GLY A 144 -3.84 -7.76 -20.73
C GLY A 144 -2.33 -7.75 -20.81
N VAL A 145 -1.69 -7.34 -19.71
CA VAL A 145 -0.25 -7.32 -19.63
C VAL A 145 0.31 -8.73 -19.48
N ILE A 146 1.35 -9.03 -20.24
CA ILE A 146 2.01 -10.33 -20.15
C ILE A 146 3.39 -10.17 -19.54
N ILE A 147 3.67 -10.96 -18.51
CA ILE A 147 4.98 -10.98 -17.89
C ILE A 147 5.70 -12.29 -18.18
N THR A 148 6.87 -12.18 -18.80
CA THR A 148 7.66 -13.35 -19.20
C THR A 148 8.51 -13.89 -18.04
N PRO A 149 9.00 -15.14 -18.16
CA PRO A 149 9.82 -15.74 -17.10
C PRO A 149 11.08 -14.94 -16.77
N GLY A 150 11.40 -14.86 -15.48
CA GLY A 150 12.63 -14.24 -15.03
C GLY A 150 12.60 -12.73 -14.96
N ILE A 151 11.40 -12.16 -14.87
CA ILE A 151 11.26 -10.71 -14.87
C ILE A 151 11.12 -10.13 -13.48
N THR A 152 11.87 -9.07 -13.19
CA THR A 152 11.72 -8.34 -11.94
C THR A 152 11.20 -6.93 -12.21
N ILE A 153 10.17 -6.54 -11.47
CA ILE A 153 9.59 -5.21 -11.61
C ILE A 153 9.73 -4.43 -10.31
N GLY A 154 10.37 -3.28 -10.38
CA GLY A 154 10.67 -2.49 -9.20
C GLY A 154 9.46 -1.82 -8.57
N ASP A 155 9.70 -1.11 -7.47
CA ASP A 155 8.65 -0.37 -6.79
C ASP A 155 8.20 0.83 -7.62
N ASN A 156 6.99 1.33 -7.33
CA ASN A 156 6.45 2.51 -8.02
C ASN A 156 6.42 2.40 -9.54
N VAL A 157 5.92 1.28 -10.04
CA VAL A 157 5.91 1.06 -11.48
C VAL A 157 4.48 0.93 -12.01
N VAL A 158 4.20 1.63 -13.11
CA VAL A 158 2.94 1.51 -13.81
C VAL A 158 3.14 0.89 -15.18
N ILE A 159 2.66 -0.33 -15.36
CA ILE A 159 2.76 -1.00 -16.65
C ILE A 159 1.49 -0.79 -17.45
N GLY A 160 1.61 -0.16 -18.61
CA GLY A 160 0.46 0.12 -19.45
C GLY A 160 -0.19 -1.12 -20.01
N ALA A 161 -1.47 -1.01 -20.31
CA ALA A 161 -2.27 -2.12 -20.84
C ALA A 161 -1.65 -2.71 -22.10
N GLY A 162 -1.79 -4.02 -22.26
CA GLY A 162 -1.35 -4.70 -23.47
C GLY A 162 0.16 -4.82 -23.61
N SER A 163 0.88 -4.48 -22.54
CA SER A 163 2.32 -4.53 -22.56
C SER A 163 2.83 -5.96 -22.47
N VAL A 164 4.00 -6.20 -23.05
CA VAL A 164 4.64 -7.51 -22.97
C VAL A 164 6.01 -7.34 -22.34
N VAL A 165 6.09 -7.59 -21.04
CA VAL A 165 7.33 -7.40 -20.30
C VAL A 165 8.34 -8.49 -20.62
N THR A 166 9.42 -8.09 -21.30
CA THR A 166 10.44 -9.04 -21.70
C THR A 166 11.76 -8.77 -20.98
N LYS A 167 11.96 -7.51 -20.58
CA LYS A 167 13.14 -7.11 -19.82
C LYS A 167 12.73 -6.48 -18.50
N ASP A 168 13.67 -6.43 -17.55
CA ASP A 168 13.40 -5.88 -16.23
C ASP A 168 13.00 -4.40 -16.29
N ILE A 169 12.02 -4.03 -15.46
CA ILE A 169 11.56 -2.65 -15.41
C ILE A 169 11.99 -1.98 -14.10
N PRO A 170 12.79 -0.91 -14.22
CA PRO A 170 13.33 -0.19 -13.06
C PRO A 170 12.23 0.45 -12.23
N PRO A 171 12.52 0.75 -10.96
CA PRO A 171 11.55 1.43 -10.11
C PRO A 171 11.29 2.88 -10.56
N ASN A 172 10.17 3.44 -10.11
CA ASN A 172 9.80 4.83 -10.39
C ASN A 172 9.65 5.16 -11.88
N THR A 173 9.09 4.23 -12.65
CA THR A 173 8.92 4.45 -14.07
C THR A 173 7.52 4.09 -14.56
N VAL A 174 7.15 4.62 -15.72
CA VAL A 174 5.97 4.17 -16.44
C VAL A 174 6.44 3.43 -17.68
N ALA A 175 5.93 2.21 -17.88
CA ALA A 175 6.39 1.38 -18.98
C ALA A 175 5.25 0.77 -19.80
N VAL A 176 5.32 0.93 -21.12
CA VAL A 176 4.31 0.40 -22.02
C VAL A 176 4.93 -0.27 -23.25
N GLY A 177 4.11 -0.97 -24.02
CA GLY A 177 4.53 -1.44 -25.33
C GLY A 177 4.85 -2.91 -25.48
N ASN A 178 5.05 -3.32 -26.74
CA ASN A 178 5.46 -4.67 -27.08
C ASN A 178 6.66 -4.60 -28.02
N PRO A 179 7.89 -4.75 -27.48
CA PRO A 179 8.19 -5.05 -26.06
C PRO A 179 8.04 -3.84 -25.15
N CYS A 180 8.01 -4.10 -23.84
CA CYS A 180 7.73 -3.09 -22.85
C CYS A 180 8.96 -2.24 -22.53
N ARG A 181 8.83 -0.92 -22.71
CA ARG A 181 9.93 -0.01 -22.44
C ARG A 181 9.44 1.14 -21.57
N VAL A 182 10.38 1.80 -20.89
CA VAL A 182 10.07 2.96 -20.08
C VAL A 182 9.81 4.19 -20.95
N ILE A 183 8.75 4.92 -20.63
CA ILE A 183 8.44 6.15 -21.35
C ILE A 183 8.48 7.38 -20.43
N LYS A 184 8.34 7.15 -19.13
CA LYS A 184 8.37 8.24 -18.15
C LYS A 184 9.03 7.82 -16.85
N LYS A 185 9.62 8.80 -16.17
CA LYS A 185 10.03 8.63 -14.79
C LYS A 185 8.96 9.25 -13.92
N ILE A 186 8.96 8.95 -12.62
CA ILE A 186 7.99 9.55 -11.73
C ILE A 186 8.52 9.84 -10.33
N GLU A 187 7.88 10.79 -9.66
CA GLU A 187 8.25 11.20 -8.32
C GLU A 187 8.11 10.05 -7.34
N GLU A 188 9.10 9.90 -6.46
CA GLU A 188 9.10 8.81 -5.50
C GLU A 188 8.23 9.11 -4.28
N MSE B 4 -19.43 -4.61 4.69
CA MSE B 4 -18.25 -3.81 5.02
C MSE B 4 -17.87 -3.95 6.48
O MSE B 4 -18.72 -4.15 7.34
CB MSE B 4 -18.50 -2.33 4.71
CG MSE B 4 -18.89 -2.04 3.28
SE MSE B 4 -19.11 -0.12 2.99
CE MSE B 4 -17.26 0.45 3.21
N THR B 5 -16.58 -3.83 6.77
CA THR B 5 -16.12 -3.68 8.13
C THR B 5 -16.24 -2.21 8.49
N GLU B 6 -15.93 -1.86 9.75
CA GLU B 6 -16.03 -0.46 10.16
C GLU B 6 -14.79 0.35 9.78
N LYS B 7 -13.68 -0.34 9.57
CA LYS B 7 -12.45 0.34 9.17
C LYS B 7 -12.55 0.86 7.74
N GLU B 8 -13.29 0.13 6.91
CA GLU B 8 -13.46 0.51 5.50
C GLU B 8 -14.23 1.80 5.33
N LYS B 9 -15.31 1.96 6.07
CA LYS B 9 -16.11 3.18 6.04
C LYS B 9 -15.30 4.37 6.56
N MSE B 10 -14.38 4.08 7.48
CA MSE B 10 -13.56 5.11 8.11
C MSE B 10 -12.61 5.76 7.11
O MSE B 10 -12.56 6.98 6.98
CB MSE B 10 -12.78 4.54 9.29
CG MSE B 10 -11.97 5.58 10.05
SE MSE B 10 -11.03 4.89 11.61
CE MSE B 10 -9.38 4.34 10.75
N LEU B 11 -11.83 4.93 6.42
CA LEU B 11 -10.84 5.42 5.46
C LEU B 11 -11.51 6.05 4.25
N SER B 12 -12.64 5.49 3.83
CA SER B 12 -13.38 6.03 2.69
C SER B 12 -14.08 7.33 3.06
N GLY B 13 -14.07 7.65 4.36
CA GLY B 13 -14.56 8.93 4.84
C GLY B 13 -16.06 8.98 5.09
N LYS B 14 -16.62 7.89 5.59
CA LYS B 14 -18.04 7.86 5.90
C LYS B 14 -18.34 7.20 7.25
N GLY B 15 -19.61 7.21 7.63
CA GLY B 15 -20.05 6.78 8.95
C GLY B 15 -19.54 5.46 9.45
N TYR B 16 -18.66 5.51 10.45
CA TYR B 16 -18.16 4.31 11.08
C TYR B 16 -18.32 4.38 12.59
N TYR B 17 -18.07 3.26 13.26
CA TYR B 17 -18.17 3.20 14.71
C TYR B 17 -16.82 3.00 15.36
N ALA B 18 -16.44 3.93 16.24
CA ALA B 18 -15.17 3.84 16.95
C ALA B 18 -15.16 2.68 17.94
N ASN B 19 -16.34 2.28 18.40
CA ASN B 19 -16.44 1.18 19.37
C ASN B 19 -16.23 -0.20 18.73
N ASP B 20 -15.93 -0.19 17.44
CA ASP B 20 -15.60 -1.41 16.70
C ASP B 20 -14.33 -2.02 17.30
N GLU B 21 -14.40 -3.30 17.65
CA GLU B 21 -13.32 -3.97 18.36
C GLU B 21 -11.99 -3.97 17.61
N LEU B 22 -12.06 -4.06 16.28
CA LEU B 22 -10.87 -4.03 15.44
C LEU B 22 -10.14 -2.70 15.57
N LEU B 23 -10.91 -1.62 15.65
CA LEU B 23 -10.35 -0.28 15.76
C LEU B 23 -9.91 0.04 17.18
N VAL B 24 -10.64 -0.48 18.16
CA VAL B 24 -10.33 -0.23 19.57
C VAL B 24 -8.95 -0.78 19.92
N LYS B 25 -8.61 -1.93 19.34
CA LYS B 25 -7.33 -2.56 19.60
C LYS B 25 -6.21 -1.87 18.83
N GLU B 26 -6.54 -1.38 17.63
CA GLU B 26 -5.56 -0.69 16.80
C GLU B 26 -5.13 0.64 17.44
N ARG B 27 -6.04 1.26 18.17
CA ARG B 27 -5.72 2.50 18.88
C ARG B 27 -4.93 2.20 20.15
N GLU B 28 -5.22 1.06 20.76
CA GLU B 28 -4.56 0.66 21.99
C GLU B 28 -3.08 0.34 21.74
N TYR B 29 -2.79 -0.19 20.57
CA TYR B 29 -1.41 -0.45 20.19
C TYR B 29 -0.70 0.84 19.81
N CYS B 30 -1.46 1.77 19.22
CA CYS B 30 -0.95 3.08 18.86
C CYS B 30 -0.50 3.85 20.10
N LYS B 31 -1.29 3.74 21.17
CA LYS B 31 -0.96 4.42 22.42
C LYS B 31 0.26 3.79 23.09
N LYS B 32 0.45 2.49 22.90
CA LYS B 32 1.62 1.80 23.41
C LYS B 32 2.89 2.42 22.89
N LEU B 33 2.96 2.62 21.58
CA LEU B 33 4.12 3.23 20.93
C LEU B 33 4.24 4.70 21.31
N THR B 34 3.09 5.35 21.49
CA THR B 34 3.07 6.74 21.92
C THR B 34 3.59 6.87 23.34
N ARG B 35 3.13 5.98 24.22
CA ARG B 35 3.56 5.97 25.61
C ARG B 35 5.06 5.74 25.73
N LEU B 36 5.60 4.91 24.83
CA LEU B 36 7.03 4.63 24.81
C LEU B 36 7.80 5.83 24.30
N PHE B 37 7.25 6.48 23.27
CA PHE B 37 7.87 7.65 22.66
C PHE B 37 7.98 8.80 23.65
N ASN B 38 6.89 9.05 24.38
CA ASN B 38 6.84 10.16 25.32
C ASN B 38 7.68 9.93 26.57
N ASN B 39 8.12 8.69 26.76
CA ASN B 39 8.90 8.33 27.94
C ASN B 39 10.40 8.30 27.70
N THR B 40 10.80 8.26 26.44
CA THR B 40 12.22 8.23 26.07
C THR B 40 12.96 9.45 26.61
N LEU B 41 14.25 9.28 26.90
CA LEU B 41 15.05 10.36 27.45
C LEU B 41 15.58 11.31 26.38
N GLU B 42 16.11 12.45 26.82
CA GLU B 42 16.52 13.52 25.93
C GLU B 42 17.76 13.21 25.08
N ASP B 43 18.35 12.04 25.29
CA ASP B 43 19.53 11.64 24.54
C ASP B 43 19.27 10.40 23.70
N GLU B 44 18.07 9.85 23.83
CA GLU B 44 17.69 8.65 23.08
C GLU B 44 17.09 9.01 21.73
N TYR B 45 17.91 9.57 20.85
CA TYR B 45 17.46 9.96 19.52
C TYR B 45 17.11 8.73 18.68
N GLU B 46 18.01 7.75 18.68
CA GLU B 46 17.85 6.55 17.88
C GLU B 46 16.57 5.81 18.23
N LYS B 47 16.25 5.78 19.52
CA LYS B 47 15.08 5.07 20.01
C LYS B 47 13.78 5.68 19.49
N ARG B 48 13.69 7.01 19.53
CA ARG B 48 12.50 7.71 19.06
C ARG B 48 12.32 7.55 17.55
N GLU B 49 13.42 7.63 16.81
CA GLU B 49 13.37 7.48 15.37
C GLU B 49 12.93 6.06 14.97
N ASP B 50 13.23 5.10 15.83
CA ASP B 50 12.81 3.72 15.57
C ASP B 50 11.32 3.54 15.83
N ILE B 51 10.85 4.14 16.92
CA ILE B 51 9.45 4.05 17.30
C ILE B 51 8.56 4.73 16.26
N LEU B 52 9.05 5.82 15.69
CA LEU B 52 8.30 6.56 14.69
C LEU B 52 8.07 5.75 13.41
N ARG B 53 9.09 5.00 13.00
CA ARG B 53 8.99 4.18 11.80
C ARG B 53 8.02 3.01 11.99
N GLN B 54 7.92 2.53 13.23
CA GLN B 54 6.95 1.49 13.56
C GLN B 54 5.55 2.09 13.62
N LEU B 55 5.48 3.40 13.84
CA LEU B 55 4.23 4.09 14.08
C LEU B 55 3.64 4.68 12.80
N PHE B 56 4.38 5.58 12.17
CA PHE B 56 3.89 6.28 10.99
C PHE B 56 3.75 5.36 9.79
N GLY B 57 2.82 5.69 8.90
CA GLY B 57 2.63 4.94 7.68
C GLY B 57 3.78 5.10 6.73
N SER B 58 4.30 6.33 6.65
CA SER B 58 5.44 6.63 5.80
C SER B 58 6.43 7.56 6.50
N VAL B 59 7.70 7.21 6.44
CA VAL B 59 8.75 8.04 7.03
C VAL B 59 9.89 8.24 6.04
N GLY B 60 10.32 9.48 5.88
CA GLY B 60 11.44 9.79 5.00
C GLY B 60 12.75 9.36 5.62
N LYS B 61 13.85 9.88 5.08
CA LYS B 61 15.17 9.55 5.60
C LYS B 61 15.39 10.15 6.98
N GLN B 62 15.40 11.47 7.06
CA GLN B 62 15.61 12.17 8.32
C GLN B 62 14.28 12.60 8.92
N ILE B 63 14.20 12.59 10.25
CA ILE B 63 12.96 12.95 10.94
C ILE B 63 13.23 13.37 12.38
N ASN B 64 12.36 14.23 12.91
CA ASN B 64 12.46 14.68 14.30
C ASN B 64 11.14 15.17 14.84
N VAL B 65 10.62 14.44 15.84
CA VAL B 65 9.38 14.83 16.50
C VAL B 65 9.60 14.98 17.99
N GLU B 66 9.30 16.17 18.51
CA GLU B 66 9.56 16.46 19.91
C GLU B 66 8.64 15.73 20.87
N GLN B 67 8.96 15.83 22.16
CA GLN B 67 8.30 15.04 23.20
C GLN B 67 6.80 15.30 23.28
N ASN B 68 6.07 14.29 23.77
CA ASN B 68 4.62 14.31 23.80
C ASN B 68 3.96 14.46 22.45
N ILE B 69 3.85 13.35 21.73
CA ILE B 69 3.13 13.29 20.48
C ILE B 69 1.78 12.62 20.73
N ARG B 70 0.77 12.98 19.94
CA ARG B 70 -0.56 12.41 20.13
C ARG B 70 -1.13 11.90 18.81
N CYS B 71 -1.52 10.63 18.79
CA CYS B 71 -2.07 10.01 17.59
C CYS B 71 -3.29 9.17 17.93
N ASP B 72 -4.12 8.93 16.91
CA ASP B 72 -5.26 8.04 17.07
C ASP B 72 -4.95 6.63 16.56
N TYR B 73 -4.42 6.55 15.34
CA TYR B 73 -4.12 5.26 14.72
C TYR B 73 -2.65 5.11 14.36
N GLY B 74 -1.99 6.22 14.06
CA GLY B 74 -0.57 6.22 13.80
C GLY B 74 -0.16 5.94 12.36
N TYR B 75 -0.81 4.95 11.74
CA TYR B 75 -0.39 4.52 10.40
C TYR B 75 -0.95 5.39 9.27
N ASN B 76 -1.89 6.27 9.61
CA ASN B 76 -2.45 7.17 8.61
C ASN B 76 -1.61 8.44 8.45
N ILE B 77 -0.51 8.52 9.20
CA ILE B 77 0.39 9.65 9.11
C ILE B 77 1.51 9.36 8.11
N HIS B 78 1.42 9.98 6.94
CA HIS B 78 2.44 9.80 5.90
C HIS B 78 3.28 11.06 5.76
N VAL B 79 4.55 10.95 6.15
CA VAL B 79 5.42 12.11 6.29
C VAL B 79 6.63 12.04 5.36
N GLY B 80 7.02 13.20 4.81
CA GLY B 80 8.09 13.26 3.84
C GLY B 80 9.48 13.38 4.44
N GLU B 81 10.34 14.14 3.76
CA GLU B 81 11.73 14.28 4.16
C GLU B 81 11.95 15.42 5.15
N ASN B 82 12.91 15.22 6.06
CA ASN B 82 13.33 16.23 7.02
C ASN B 82 12.18 16.81 7.84
N PHE B 83 11.21 15.96 8.14
CA PHE B 83 10.01 16.41 8.84
C PHE B 83 10.31 16.75 10.29
N PHE B 84 10.00 17.99 10.66
CA PHE B 84 10.18 18.42 12.04
C PHE B 84 8.84 18.73 12.68
N ALA B 85 8.64 18.23 13.89
CA ALA B 85 7.43 18.50 14.64
C ALA B 85 7.79 18.85 16.08
N ASN B 86 7.55 20.11 16.45
CA ASN B 86 7.94 20.59 17.76
C ASN B 86 7.04 20.05 18.87
N TYR B 87 7.09 20.69 20.04
CA TYR B 87 6.44 20.17 21.23
C TYR B 87 4.93 20.02 21.12
N ASP B 88 4.43 18.92 21.69
CA ASP B 88 3.00 18.74 21.95
C ASP B 88 2.08 18.88 20.73
N CYS B 89 2.51 18.34 19.59
CA CYS B 89 1.66 18.32 18.41
C CYS B 89 0.69 17.14 18.47
N ILE B 90 -0.52 17.36 17.96
CA ILE B 90 -1.54 16.32 17.96
C ILE B 90 -1.93 15.92 16.53
N PHE B 91 -1.87 14.62 16.26
CA PHE B 91 -2.23 14.08 14.95
C PHE B 91 -3.41 13.14 15.06
N LEU B 92 -4.62 13.67 15.00
CA LEU B 92 -5.81 12.83 15.00
C LEU B 92 -5.99 12.20 13.63
N ASP B 93 -5.24 11.14 13.37
CA ASP B 93 -5.19 10.55 12.04
C ASP B 93 -6.20 9.43 11.82
N VAL B 94 -7.48 9.79 11.89
CA VAL B 94 -8.55 8.86 11.53
C VAL B 94 -8.44 8.54 10.04
N CYS B 95 -8.32 9.59 9.23
CA CYS B 95 -7.99 9.44 7.82
C CYS B 95 -6.53 9.80 7.60
N LYS B 96 -6.07 9.72 6.37
CA LYS B 96 -4.65 9.96 6.09
C LYS B 96 -4.24 11.41 6.30
N ILE B 97 -3.09 11.60 6.92
CA ILE B 97 -2.48 12.92 7.02
C ILE B 97 -1.20 12.90 6.19
N GLU B 98 -1.31 13.35 4.94
CA GLU B 98 -0.17 13.32 4.05
C GLU B 98 0.61 14.62 4.11
N ILE B 99 1.88 14.52 4.50
CA ILE B 99 2.74 15.68 4.61
C ILE B 99 3.93 15.58 3.67
N GLY B 100 4.16 16.62 2.88
CA GLY B 100 5.20 16.61 1.88
C GLY B 100 6.61 16.65 2.45
N ASP B 101 7.57 16.99 1.60
CA ASP B 101 8.96 17.06 2.01
C ASP B 101 9.31 18.44 2.56
N ASN B 102 10.27 18.49 3.47
CA ASN B 102 10.75 19.74 4.06
C ASN B 102 9.66 20.54 4.75
N VAL B 103 8.89 19.89 5.61
CA VAL B 103 7.82 20.54 6.33
C VAL B 103 8.11 20.57 7.82
N MSE B 104 7.93 21.73 8.44
CA MSE B 104 8.20 21.88 9.86
C MSE B 104 6.99 22.39 10.63
O MSE B 104 6.37 23.38 10.25
CB MSE B 104 9.41 22.81 10.06
CG MSE B 104 9.28 24.13 9.33
SE MSE B 104 11.00 24.80 8.69
CE MSE B 104 11.06 23.85 6.99
N LEU B 105 6.64 21.68 11.70
CA LEU B 105 5.52 22.06 12.55
C LEU B 105 6.02 22.71 13.83
N ALA B 106 5.49 23.88 14.13
CA ALA B 106 5.81 24.59 15.37
C ALA B 106 5.14 23.89 16.56
N PRO B 107 5.41 24.33 17.80
CA PRO B 107 4.75 23.63 18.91
C PRO B 107 3.24 23.75 18.88
N ASN B 108 2.56 22.74 19.43
CA ASN B 108 1.12 22.76 19.65
C ASN B 108 0.27 22.86 18.38
N VAL B 109 0.74 22.23 17.31
CA VAL B 109 -0.03 22.18 16.07
C VAL B 109 -1.00 21.01 16.11
N GLN B 110 -2.25 21.28 15.74
CA GLN B 110 -3.30 20.27 15.81
C GLN B 110 -3.89 19.97 14.44
N ILE B 111 -3.71 18.74 13.98
CA ILE B 111 -4.30 18.30 12.73
C ILE B 111 -5.44 17.32 12.99
N TYR B 112 -6.67 17.79 12.79
CA TYR B 112 -7.85 16.99 13.08
C TYR B 112 -8.50 16.46 11.80
N THR B 113 -8.45 15.15 11.60
CA THR B 113 -9.09 14.54 10.43
C THR B 113 -10.49 14.01 10.76
N ALA B 114 -10.79 13.89 12.04
CA ALA B 114 -12.07 13.33 12.48
C ALA B 114 -13.15 14.39 12.68
N TYR B 115 -14.41 13.98 12.59
CA TYR B 115 -15.53 14.87 12.92
C TYR B 115 -16.80 14.08 13.22
N HIS B 116 -17.80 14.78 13.74
CA HIS B 116 -19.07 14.17 14.12
C HIS B 116 -20.21 14.86 13.37
N PRO B 117 -21.39 14.20 13.30
CA PRO B 117 -22.55 14.84 12.68
C PRO B 117 -22.98 16.09 13.42
N ILE B 118 -23.54 17.04 12.69
CA ILE B 118 -24.09 18.25 13.30
C ILE B 118 -25.39 17.88 14.02
N ASP B 119 -26.14 16.97 13.41
CA ASP B 119 -27.37 16.47 14.00
C ASP B 119 -27.08 15.75 15.30
N ALA B 120 -27.83 16.09 16.35
CA ALA B 120 -27.59 15.56 17.69
C ALA B 120 -27.99 14.08 17.78
N GLN B 121 -29.13 13.75 17.21
CA GLN B 121 -29.65 12.39 17.28
C GLN B 121 -28.73 11.44 16.51
N LEU B 122 -28.12 11.95 15.45
CA LEU B 122 -27.19 11.17 14.65
C LEU B 122 -25.85 11.07 15.37
N ARG B 123 -25.42 12.18 15.97
CA ARG B 123 -24.16 12.23 16.69
C ARG B 123 -24.16 11.30 17.90
N ASN B 124 -25.31 11.20 18.55
CA ASN B 124 -25.44 10.35 19.73
C ASN B 124 -25.48 8.86 19.42
N SER B 125 -25.66 8.53 18.15
CA SER B 125 -25.70 7.14 17.71
C SER B 125 -24.33 6.48 17.81
N GLY B 126 -23.29 7.30 18.02
CA GLY B 126 -21.94 6.79 18.17
C GLY B 126 -21.18 6.79 16.87
N ILE B 127 -21.85 7.24 15.81
CA ILE B 127 -21.24 7.29 14.49
C ILE B 127 -20.16 8.37 14.45
N GLU B 128 -19.19 8.20 13.56
CA GLU B 128 -18.05 9.09 13.49
C GLU B 128 -17.57 9.16 12.05
N TYR B 129 -16.96 10.28 11.66
CA TYR B 129 -16.52 10.44 10.29
C TYR B 129 -15.03 10.77 10.21
N GLY B 130 -14.53 10.89 8.98
CA GLY B 130 -13.14 11.23 8.74
C GLY B 130 -12.95 11.94 7.41
N SER B 131 -11.93 12.79 7.34
CA SER B 131 -11.56 13.47 6.10
C SER B 131 -10.06 13.75 6.10
N PRO B 132 -9.36 13.30 5.04
CA PRO B 132 -7.91 13.38 4.97
C PRO B 132 -7.37 14.80 4.88
N VAL B 133 -6.12 14.97 5.29
CA VAL B 133 -5.45 16.26 5.21
C VAL B 133 -4.12 16.11 4.47
N LYS B 134 -3.91 16.96 3.47
CA LYS B 134 -2.68 16.90 2.70
C LYS B 134 -1.91 18.21 2.82
N ILE B 135 -0.62 18.08 3.14
CA ILE B 135 0.26 19.24 3.23
C ILE B 135 1.45 19.07 2.27
N GLY B 136 1.57 20.00 1.33
CA GLY B 136 2.59 19.91 0.31
C GLY B 136 4.01 20.11 0.81
N ASP B 137 4.94 20.20 -0.13
CA ASP B 137 6.35 20.35 0.18
C ASP B 137 6.68 21.77 0.65
N ASN B 138 7.75 21.91 1.42
CA ASN B 138 8.27 23.21 1.85
C ASN B 138 7.25 24.06 2.61
N VAL B 139 6.63 23.49 3.62
CA VAL B 139 5.58 24.18 4.36
C VAL B 139 5.95 24.42 5.83
N TRP B 140 5.79 25.67 6.27
CA TRP B 140 6.03 26.02 7.67
C TRP B 140 4.71 26.31 8.36
N ILE B 141 4.34 25.44 9.30
CA ILE B 141 3.12 25.61 10.08
C ILE B 141 3.44 26.30 11.39
N GLY B 142 2.82 27.45 11.63
CA GLY B 142 3.06 28.23 12.83
C GLY B 142 2.58 27.56 14.10
N GLY B 143 2.83 28.21 15.23
CA GLY B 143 2.48 27.65 16.52
C GLY B 143 1.00 27.72 16.84
N GLY B 144 0.47 26.65 17.42
CA GLY B 144 -0.91 26.62 17.89
C GLY B 144 -1.91 26.58 16.76
N VAL B 145 -1.44 26.24 15.56
CA VAL B 145 -2.30 26.17 14.39
C VAL B 145 -3.21 24.95 14.46
N ILE B 146 -4.50 25.16 14.18
CA ILE B 146 -5.44 24.05 14.11
C ILE B 146 -5.86 23.82 12.67
N ILE B 147 -5.67 22.58 12.21
CA ILE B 147 -6.08 22.20 10.86
C ILE B 147 -7.31 21.33 10.90
N THR B 148 -8.37 21.77 10.24
CA THR B 148 -9.65 21.07 10.23
C THR B 148 -9.67 19.98 9.16
N PRO B 149 -10.60 19.01 9.27
CA PRO B 149 -10.58 17.89 8.31
C PRO B 149 -10.92 18.30 6.88
N GLY B 150 -10.38 17.55 5.91
CA GLY B 150 -10.64 17.80 4.51
C GLY B 150 -9.90 19.01 3.97
N ILE B 151 -8.71 19.28 4.51
CA ILE B 151 -7.96 20.47 4.14
C ILE B 151 -6.70 20.13 3.33
N THR B 152 -6.48 20.88 2.27
CA THR B 152 -5.26 20.78 1.48
C THR B 152 -4.48 22.09 1.57
N ILE B 153 -3.20 21.98 1.91
CA ILE B 153 -2.34 23.16 1.95
C ILE B 153 -1.23 23.00 0.90
N GLY B 154 -1.12 23.98 0.01
CA GLY B 154 -0.19 23.91 -1.10
C GLY B 154 1.27 23.92 -0.70
N ASP B 155 2.14 23.84 -1.70
CA ASP B 155 3.58 23.87 -1.48
C ASP B 155 4.03 25.30 -1.20
N ASN B 156 5.19 25.42 -0.55
CA ASN B 156 5.80 26.72 -0.29
C ASN B 156 4.90 27.67 0.50
N VAL B 157 4.13 27.11 1.42
CA VAL B 157 3.15 27.88 2.17
C VAL B 157 3.57 28.12 3.62
N VAL B 158 3.35 29.34 4.10
CA VAL B 158 3.57 29.65 5.51
C VAL B 158 2.24 29.95 6.20
N ILE B 159 1.88 29.11 7.16
CA ILE B 159 0.67 29.32 7.95
C ILE B 159 1.00 30.03 9.26
N GLY B 160 0.36 31.18 9.47
CA GLY B 160 0.61 31.99 10.66
C GLY B 160 0.18 31.31 11.94
N ALA B 161 0.86 31.69 13.03
CA ALA B 161 0.57 31.12 14.35
C ALA B 161 -0.85 31.43 14.80
N GLY B 162 -1.49 30.42 15.41
CA GLY B 162 -2.83 30.57 15.93
C GLY B 162 -3.93 30.45 14.89
N SER B 163 -3.54 30.18 13.65
CA SER B 163 -4.50 30.09 12.56
C SER B 163 -5.41 28.87 12.70
N VAL B 164 -6.63 29.02 12.23
CA VAL B 164 -7.57 27.90 12.16
C VAL B 164 -7.97 27.68 10.70
N VAL B 165 -7.33 26.70 10.07
CA VAL B 165 -7.53 26.47 8.64
C VAL B 165 -8.85 25.77 8.34
N THR B 166 -9.72 26.46 7.60
CA THR B 166 -11.02 25.93 7.26
C THR B 166 -11.17 25.72 5.76
N LYS B 167 -10.74 26.71 4.99
CA LYS B 167 -10.73 26.59 3.54
C LYS B 167 -9.33 26.20 3.10
N ASP B 168 -9.21 25.64 1.90
CA ASP B 168 -7.92 25.24 1.35
C ASP B 168 -6.99 26.44 1.18
N ILE B 169 -5.69 26.18 1.27
CA ILE B 169 -4.69 27.22 1.09
C ILE B 169 -3.89 26.99 -0.18
N PRO B 170 -3.94 27.96 -1.11
CA PRO B 170 -3.19 27.88 -2.38
C PRO B 170 -1.68 27.93 -2.12
N PRO B 171 -0.90 27.34 -3.02
CA PRO B 171 0.57 27.33 -2.87
C PRO B 171 1.18 28.71 -2.97
N ASN B 172 2.41 28.86 -2.48
CA ASN B 172 3.15 30.12 -2.54
C ASN B 172 2.43 31.30 -1.88
N THR B 173 1.85 31.06 -0.71
CA THR B 173 1.14 32.12 0.00
C THR B 173 1.46 32.13 1.49
N VAL B 174 1.17 33.27 2.13
CA VAL B 174 1.21 33.37 3.59
C VAL B 174 -0.21 33.59 4.08
N ALA B 175 -0.66 32.72 4.99
CA ALA B 175 -2.04 32.77 5.46
C ALA B 175 -2.12 32.82 6.99
N VAL B 176 -2.97 33.72 7.50
CA VAL B 176 -3.12 33.89 8.95
C VAL B 176 -4.59 34.05 9.35
N GLY B 177 -4.86 33.92 10.64
CA GLY B 177 -6.15 34.29 11.18
C GLY B 177 -7.15 33.19 11.50
N ASN B 178 -8.26 33.59 12.09
CA ASN B 178 -9.38 32.70 12.39
C ASN B 178 -10.64 33.32 11.81
N PRO B 179 -11.11 32.79 10.65
CA PRO B 179 -10.54 31.64 9.93
C PRO B 179 -9.29 32.01 9.14
N CYS B 180 -8.51 31.00 8.76
CA CYS B 180 -7.24 31.21 8.08
C CYS B 180 -7.46 31.71 6.65
N ARG B 181 -6.95 32.90 6.36
CA ARG B 181 -7.07 33.49 5.04
C ARG B 181 -5.71 33.94 4.51
N VAL B 182 -5.53 33.80 3.20
CA VAL B 182 -4.31 34.24 2.55
C VAL B 182 -4.20 35.77 2.62
N ILE B 183 -3.03 36.27 3.03
CA ILE B 183 -2.83 37.70 3.11
C ILE B 183 -1.80 38.22 2.11
N LYS B 184 -0.81 37.39 1.77
CA LYS B 184 0.23 37.79 0.82
C LYS B 184 0.53 36.72 -0.21
N LYS B 185 1.44 37.05 -1.11
CA LYS B 185 1.96 36.09 -2.08
C LYS B 185 3.45 35.92 -1.86
N ILE B 186 3.98 34.78 -2.26
CA ILE B 186 5.42 34.52 -2.13
C ILE B 186 6.02 34.21 -3.50
N GLU B 187 7.29 34.57 -3.68
CA GLU B 187 7.99 34.28 -4.91
C GLU B 187 8.10 32.76 -5.11
N GLU B 188 7.54 32.28 -6.22
CA GLU B 188 7.47 30.85 -6.50
C GLU B 188 8.84 30.19 -6.55
N1A ACO C . 0.49 0.87 -25.01
C2A ACO C . 1.24 1.46 -25.95
N3A ACO C . 1.45 2.78 -25.95
C4A ACO C . 0.90 3.58 -25.00
C5A ACO C . 0.11 3.00 -23.99
C6A ACO C . -0.08 1.61 -24.03
N6A ACO C . -0.86 0.99 -23.04
N7A ACO C . -0.31 3.99 -23.18
C8A ACO C . 0.20 5.16 -23.64
N9A ACO C . 0.92 4.90 -24.74
C1B ACO C . 1.65 5.89 -25.55
C2B ACO C . 0.76 6.99 -25.99
O2B ACO C . 0.30 6.73 -27.29
C3B ACO C . 1.61 8.10 -25.99
O3B ACO C . 2.39 8.10 -27.21
P3B ACO C . 3.07 9.40 -27.75
O7A ACO C . 2.95 10.52 -26.74
O8A ACO C . 4.55 9.13 -28.02
O9A ACO C . 2.41 9.83 -29.04
C4B ACO C . 2.48 7.84 -24.85
O4B ACO C . 2.73 6.48 -24.90
C5B ACO C . 1.78 8.16 -23.56
O5B ACO C . 0.83 9.19 -23.55
P1A ACO C . -0.20 9.34 -22.35
O1A ACO C . -1.59 9.51 -22.91
O2A ACO C . 0.17 10.55 -21.56
O3A ACO C . -0.19 8.05 -21.44
P2A ACO C . 0.21 8.10 -19.89
O4A ACO C . 1.71 8.23 -19.77
O5A ACO C . -0.45 9.28 -19.21
O6A ACO C . -0.26 6.79 -19.19
CBP ACO C . -1.64 4.77 -19.11
CCP ACO C . -1.40 6.17 -19.61
CDP ACO C . -1.91 4.83 -17.65
CEP ACO C . -0.37 3.96 -19.34
CAP ACO C . -2.82 4.14 -19.85
OAP ACO C . -2.62 4.08 -21.22
C9P ACO C . -3.18 2.71 -19.42
O9P ACO C . -2.64 1.76 -19.96
N8P ACO C . -4.17 2.48 -18.36
C7P ACO C . -4.47 1.09 -17.98
C6P ACO C . -5.93 0.61 -17.84
C5P ACO C . -6.11 -0.91 -17.80
O5P ACO C . -5.35 -1.63 -18.47
N4P ACO C . -7.17 -1.56 -17.01
C3P ACO C . -8.09 -0.73 -16.21
C2P ACO C . -8.63 -1.35 -14.92
S1P ACO C . -7.72 -1.09 -13.45
C ACO C . -8.45 -2.06 -12.16
O ACO C . -8.03 -3.22 -11.95
CH3 ACO C . -9.77 -1.63 -11.56
O1 MES D . 15.50 -35.08 -0.40
C2 MES D . 15.61 -35.31 -1.81
C3 MES D . 17.03 -35.04 -2.31
N4 MES D . 17.44 -33.72 -1.84
C5 MES D . 17.27 -33.40 -0.42
C6 MES D . 15.82 -33.73 -0.07
C7 MES D . 18.65 -33.19 -2.47
C8 MES D . 18.51 -31.67 -2.47
S MES D . 20.01 -31.02 -2.79
O1S MES D . 20.73 -31.88 -3.74
O2S MES D . 20.78 -30.92 -1.54
O3S MES D . 19.84 -29.67 -3.37
N1A ACO E . -2.39 35.96 13.00
C2A ACO E . -3.20 36.93 12.56
N3A ACO E . -2.70 38.01 11.95
C4A ACO E . -1.37 38.16 11.76
C5A ACO E . -0.50 37.17 12.21
C6A ACO E . -1.06 36.05 12.84
N6A ACO E . -0.21 35.02 13.32
N7A ACO E . 0.75 37.56 11.91
C8A ACO E . 0.69 38.75 11.29
N9A ACO E . -0.59 39.12 11.20
C1B ACO E . -1.10 40.36 10.59
C2B ACO E . -0.52 41.57 11.22
O2B ACO E . -1.34 42.00 12.27
C3B ACO E . -0.55 42.51 10.18
O3B ACO E . -1.86 43.13 10.14
P3B ACO E . -2.07 44.55 9.49
O7A ACO E . -1.08 44.77 8.37
O8A ACO E . -3.50 44.62 8.94
O9A ACO E . -1.89 45.61 10.54
C4B ACO E . -0.34 41.72 8.98
O4B ACO E . -0.82 40.45 9.22
C5B ACO E . 1.12 41.66 8.65
O5B ACO E . 1.91 40.73 9.35
P1A ACO E . 3.41 40.47 8.94
O1A ACO E . 4.31 41.04 9.99
O2A ACO E . 3.67 41.13 7.62
O3A ACO E . 3.67 38.91 8.85
P2A ACO E . 4.86 38.33 7.94
O4A ACO E . 4.36 38.11 6.53
O5A ACO E . 6.00 39.32 7.92
O6A ACO E . 5.36 36.99 8.55
CBP ACO E . 4.65 35.61 10.45
CCP ACO E . 5.35 36.82 9.90
CDP ACO E . 5.45 34.41 10.06
CEP ACO E . 3.26 35.52 9.84
CAP ACO E . 4.55 35.73 11.97
OAP ACO E . 3.53 36.59 12.34
C9P ACO E . 4.25 34.41 12.70
O9P ACO E . 3.11 34.01 12.79
N8P ACO E . 5.33 33.61 13.30
C7P ACO E . 4.98 32.37 13.98
C6P ACO E . 5.98 31.69 14.95
C5P ACO E . 5.54 30.31 15.46
O5P ACO E . 4.35 29.99 15.37
N4P ACO E . 6.49 29.37 16.07
C3P ACO E . 7.91 29.71 16.20
C2P ACO E . 8.91 28.56 16.17
S1P ACO E . 9.17 27.76 14.64
C ACO E . 9.87 26.16 14.94
O ACO E . 9.12 25.20 15.21
CH3 ACO E . 11.37 26.02 15.13
#